data_2Y7G
#
_entry.id   2Y7G
#
_cell.length_a   102.100
_cell.length_b   102.100
_cell.length_c   100.736
_cell.angle_alpha   90.00
_cell.angle_beta   90.00
_cell.angle_gamma   90.00
#
_symmetry.space_group_name_H-M   'P 43 21 2'
#
loop_
_entity.id
_entity.type
_entity.pdbx_description
1 polymer '3-KETO-5-AMINOHEXANOATE CLEAVAGE ENZYME'
2 non-polymer 'ZINC ION'
3 non-polymer 'ACETOACETIC ACID'
4 non-polymer GLYCEROL
5 non-polymer 'MAGNESIUM ION'
6 water water
#
_entity_poly.entity_id   1
_entity_poly.type   'polypeptide(L)'
_entity_poly.pdbx_seq_one_letter_code
;MHHHHHHEPLILTAAITGAETTRADQPNLPITPEEQAKEAKACFEAGARVIHLHIREDDGRPSQRLDRFQEAISAIREVV
PEIIIQISTGGAVGESFDKRLAPLALKPEMATLNAGTLNFGDDIFINHPADIIRLAEAFKQYNVVPEVEVYESGMVDAVA
RLIKKGIITQNPLHIQFVLGVPGGMSGKPKNLMYMMEHLKEEIPTATWAVAGIGRWHIPTSLIAMVTGGHIRCGFEDNIF
YHKGVIAESNAQLVARLARIAKEIGRPLATPEQAREILALNK
;
_entity_poly.pdbx_strand_id   A,B
#
# COMPACT_ATOMS: atom_id res chain seq x y z
N HIS A 6 -9.30 5.16 -1.83
CA HIS A 6 -8.94 4.27 -2.92
C HIS A 6 -10.11 4.08 -3.92
N HIS A 7 -11.09 4.99 -3.94
CA HIS A 7 -12.21 4.92 -4.89
C HIS A 7 -12.16 6.10 -5.88
N GLU A 8 -11.26 7.04 -5.62
CA GLU A 8 -10.97 8.22 -6.44
C GLU A 8 -10.22 7.77 -7.70
N PRO A 9 -10.42 8.38 -8.89
CA PRO A 9 -9.70 7.88 -10.06
C PRO A 9 -8.18 7.96 -9.92
N LEU A 10 -7.47 7.01 -10.53
CA LEU A 10 -6.03 6.92 -10.49
C LEU A 10 -5.42 7.32 -11.83
N ILE A 11 -4.51 8.29 -11.82
CA ILE A 11 -3.76 8.71 -12.99
C ILE A 11 -2.41 8.04 -12.94
N LEU A 12 -2.11 7.28 -13.99
CA LEU A 12 -0.81 6.65 -14.15
C LEU A 12 0.00 7.41 -15.18
N THR A 13 1.23 7.76 -14.82
CA THR A 13 2.19 8.38 -15.71
C THR A 13 3.25 7.36 -16.10
N ALA A 14 3.62 7.29 -17.38
CA ALA A 14 4.72 6.46 -17.83
C ALA A 14 5.91 7.36 -18.23
N ALA A 15 7.03 7.24 -17.50
CA ALA A 15 8.29 7.98 -17.77
C ALA A 15 9.12 7.00 -18.58
N ILE A 16 8.93 7.03 -19.90
CA ILE A 16 9.37 5.93 -20.75
C ILE A 16 10.84 5.89 -21.13
N THR A 17 11.58 7.00 -21.07
CA THR A 17 12.94 7.05 -21.61
C THR A 17 13.96 7.63 -20.63
N GLY A 18 13.71 8.85 -20.16
CA GLY A 18 14.64 9.53 -19.27
C GLY A 18 15.91 9.96 -19.96
N ALA A 19 16.89 10.44 -19.18
CA ALA A 19 18.14 10.90 -19.74
C ALA A 19 19.29 9.93 -19.57
N GLU A 20 19.25 9.04 -18.58
CA GLU A 20 20.42 8.20 -18.28
C GLU A 20 20.32 6.72 -18.60
N THR A 21 19.10 6.17 -18.68
CA THR A 21 18.96 4.74 -18.91
C THR A 21 19.61 4.36 -20.24
N THR A 22 20.33 3.25 -20.27
CA THR A 22 20.96 2.81 -21.52
C THR A 22 20.22 1.64 -22.13
N ARG A 23 20.40 1.52 -23.45
CA ARG A 23 19.83 0.40 -24.16
C ARG A 23 20.55 -0.92 -23.83
N ALA A 24 21.82 -0.85 -23.40
CA ALA A 24 22.51 -2.06 -23.00
C ALA A 24 21.91 -2.64 -21.73
N ASP A 25 21.49 -1.78 -20.77
CA ASP A 25 20.87 -2.29 -19.55
C ASP A 25 19.42 -2.66 -19.75
N GLN A 26 18.74 -1.90 -20.59
CA GLN A 26 17.31 -2.10 -20.84
C GLN A 26 17.11 -2.11 -22.36
N PRO A 27 17.21 -3.30 -22.98
CA PRO A 27 17.14 -3.38 -24.46
C PRO A 27 15.84 -2.86 -25.05
N ASN A 28 14.80 -2.74 -24.23
CA ASN A 28 13.50 -2.29 -24.70
C ASN A 28 13.32 -0.80 -24.54
N LEU A 29 14.38 -0.10 -24.11
CA LEU A 29 14.32 1.35 -23.96
C LEU A 29 13.97 2.05 -25.28
N PRO A 30 12.84 2.79 -25.32
CA PRO A 30 12.54 3.53 -26.54
C PRO A 30 13.43 4.77 -26.63
N ILE A 31 14.12 4.94 -27.79
CA ILE A 31 15.09 6.03 -28.02
C ILE A 31 14.58 7.00 -29.09
N THR A 32 13.99 6.47 -30.18
CA THR A 32 13.53 7.32 -31.27
C THR A 32 12.08 7.76 -31.07
N PRO A 33 11.65 8.83 -31.75
CA PRO A 33 10.23 9.23 -31.72
C PRO A 33 9.26 8.10 -32.09
N GLU A 34 9.57 7.28 -33.14
CA GLU A 34 8.70 6.16 -33.51
C GLU A 34 8.61 5.14 -32.38
N GLU A 35 9.76 4.80 -31.76
CA GLU A 35 9.81 3.83 -30.66
C GLU A 35 9.03 4.37 -29.48
N GLN A 36 9.17 5.68 -29.23
CA GLN A 36 8.46 6.32 -28.11
C GLN A 36 6.95 6.33 -28.34
N ALA A 37 6.50 6.57 -29.61
CA ALA A 37 5.07 6.51 -29.93
C ALA A 37 4.49 5.10 -29.73
N LYS A 38 5.21 4.05 -30.18
CA LYS A 38 4.76 2.67 -30.01
C LYS A 38 4.60 2.34 -28.53
N GLU A 39 5.61 2.74 -27.71
CA GLU A 39 5.55 2.51 -26.29
C GLU A 39 4.38 3.28 -25.66
N ALA A 40 4.19 4.53 -26.07
CA ALA A 40 3.10 5.34 -25.53
C ALA A 40 1.73 4.71 -25.80
N LYS A 41 1.53 4.13 -27.01
CA LYS A 41 0.25 3.46 -27.31
C LYS A 41 0.06 2.26 -26.38
N ALA A 42 1.11 1.42 -26.23
CA ALA A 42 1.00 0.26 -25.37
C ALA A 42 0.74 0.70 -23.93
N CYS A 43 1.42 1.77 -23.46
CA CYS A 43 1.20 2.29 -22.12
C CYS A 43 -0.21 2.82 -21.93
N PHE A 44 -0.73 3.56 -22.92
CA PHE A 44 -2.11 4.08 -22.85
C PHE A 44 -3.11 2.92 -22.73
N GLU A 45 -2.96 1.90 -23.57
CA GLU A 45 -3.86 0.75 -23.53
C GLU A 45 -3.76 -0.01 -22.20
N ALA A 46 -2.58 0.03 -21.54
CA ALA A 46 -2.37 -0.62 -20.25
C ALA A 46 -2.91 0.23 -19.09
N GLY A 47 -3.28 1.50 -19.35
CA GLY A 47 -3.86 2.36 -18.33
C GLY A 47 -3.21 3.72 -18.10
N ALA A 48 -2.09 4.01 -18.77
CA ALA A 48 -1.41 5.31 -18.59
C ALA A 48 -2.20 6.44 -19.22
N ARG A 49 -2.27 7.60 -18.54
CA ARG A 49 -2.95 8.75 -19.08
C ARG A 49 -1.99 9.89 -19.38
N VAL A 50 -0.77 9.80 -18.84
CA VAL A 50 0.27 10.81 -19.06
C VAL A 50 1.55 10.13 -19.48
N ILE A 51 2.27 10.70 -20.45
CA ILE A 51 3.62 10.30 -20.83
C ILE A 51 4.56 11.38 -20.37
N HIS A 52 5.54 11.03 -19.53
CA HIS A 52 6.60 11.99 -19.15
C HIS A 52 7.74 11.78 -20.13
N LEU A 53 8.02 12.82 -20.92
CA LEU A 53 8.89 12.70 -22.08
C LEU A 53 10.23 13.43 -21.98
N HIS A 54 11.30 12.64 -22.07
CA HIS A 54 12.65 13.03 -22.43
C HIS A 54 12.89 12.54 -23.84
N ILE A 55 13.72 13.25 -24.58
CA ILE A 55 14.09 12.83 -25.93
C ILE A 55 15.57 12.48 -26.01
N ARG A 56 15.88 11.66 -27.00
CA ARG A 56 17.24 11.21 -27.28
C ARG A 56 17.56 11.41 -28.72
N GLU A 57 18.85 11.56 -29.02
CA GLU A 57 19.31 11.47 -30.41
C GLU A 57 19.32 10.00 -30.78
N ASP A 58 19.43 9.68 -32.07
CA ASP A 58 19.44 8.26 -32.46
C ASP A 58 20.60 7.47 -31.81
N ASP A 59 21.72 8.13 -31.44
CA ASP A 59 22.87 7.49 -30.80
C ASP A 59 22.64 7.25 -29.28
N GLY A 60 21.47 7.65 -28.79
CA GLY A 60 21.09 7.45 -27.39
C GLY A 60 21.49 8.58 -26.45
N ARG A 61 22.22 9.60 -26.92
CA ARG A 61 22.61 10.71 -26.04
C ARG A 61 21.36 11.58 -25.77
N PRO A 62 21.24 12.17 -24.58
CA PRO A 62 20.06 13.01 -24.29
C PRO A 62 20.04 14.23 -25.20
N SER A 63 18.83 14.68 -25.57
CA SER A 63 18.67 15.84 -26.45
C SER A 63 17.78 16.90 -25.84
N GLN A 64 18.01 18.13 -26.27
CA GLN A 64 17.18 19.28 -25.91
C GLN A 64 16.70 20.00 -27.17
N ARG A 65 16.93 19.40 -28.35
CA ARG A 65 16.58 20.06 -29.62
C ARG A 65 15.08 20.21 -29.76
N LEU A 66 14.60 21.44 -30.10
CA LEU A 66 13.17 21.68 -30.22
CA LEU A 66 13.18 21.74 -30.28
C LEU A 66 12.57 20.87 -31.39
N ASP A 67 13.31 20.72 -32.52
CA ASP A 67 12.80 19.93 -33.64
C ASP A 67 12.63 18.45 -33.25
N ARG A 68 13.54 17.91 -32.42
CA ARG A 68 13.44 16.52 -31.95
C ARG A 68 12.29 16.39 -30.95
N PHE A 69 12.07 17.38 -30.08
CA PHE A 69 10.93 17.35 -29.17
C PHE A 69 9.62 17.37 -30.01
N GLN A 70 9.54 18.27 -31.01
CA GLN A 70 8.34 18.32 -31.85
C GLN A 70 8.07 16.99 -32.57
N GLU A 71 9.13 16.31 -33.03
CA GLU A 71 9.05 15.01 -33.72
C GLU A 71 8.43 13.97 -32.76
N ALA A 72 8.94 13.90 -31.51
CA ALA A 72 8.42 12.94 -30.56
C ALA A 72 6.98 13.27 -30.16
N ILE A 73 6.69 14.55 -29.86
CA ILE A 73 5.33 14.97 -29.49
C ILE A 73 4.35 14.60 -30.60
N SER A 74 4.67 14.90 -31.86
CA SER A 74 3.80 14.61 -32.99
C SER A 74 3.57 13.10 -33.17
N ALA A 75 4.64 12.29 -33.04
CA ALA A 75 4.52 10.83 -33.19
C ALA A 75 3.60 10.25 -32.12
N ILE A 76 3.75 10.71 -30.85
CA ILE A 76 2.92 10.19 -29.77
C ILE A 76 1.46 10.64 -29.99
N ARG A 77 1.25 11.91 -30.26
CA ARG A 77 -0.07 12.47 -30.47
C ARG A 77 -0.85 11.75 -31.57
N GLU A 78 -0.16 11.35 -32.61
CA GLU A 78 -0.78 10.67 -33.75
C GLU A 78 -1.25 9.23 -33.43
N VAL A 79 -0.61 8.55 -32.47
CA VAL A 79 -1.02 7.21 -32.10
C VAL A 79 -2.10 7.22 -31.02
N VAL A 80 -2.03 8.16 -30.05
CA VAL A 80 -2.99 8.26 -28.96
C VAL A 80 -3.32 9.74 -28.76
N PRO A 81 -4.26 10.32 -29.53
CA PRO A 81 -4.52 11.75 -29.39
C PRO A 81 -4.93 12.14 -27.97
N GLU A 82 -5.53 11.21 -27.21
CA GLU A 82 -6.06 11.52 -25.88
C GLU A 82 -5.00 11.53 -24.77
N ILE A 83 -3.80 10.98 -25.02
CA ILE A 83 -2.79 10.96 -23.96
C ILE A 83 -2.28 12.39 -23.67
N ILE A 84 -1.87 12.59 -22.44
CA ILE A 84 -1.30 13.88 -22.05
C ILE A 84 0.22 13.77 -22.17
N ILE A 85 0.84 14.66 -22.97
CA ILE A 85 2.28 14.62 -23.20
C ILE A 85 2.92 15.68 -22.33
N GLN A 86 3.65 15.22 -21.32
CA GLN A 86 4.29 16.11 -20.35
C GLN A 86 5.79 16.16 -20.63
N ILE A 87 6.32 17.30 -21.03
CA ILE A 87 7.74 17.30 -21.35
C ILE A 87 8.60 17.59 -20.11
N SER A 88 9.81 17.04 -20.11
CA SER A 88 10.76 17.28 -19.05
C SER A 88 11.50 18.56 -19.25
N THR A 89 11.55 19.41 -18.21
CA THR A 89 12.46 20.54 -18.21
C THR A 89 13.68 20.23 -17.31
N GLY A 90 13.76 19.02 -16.74
CA GLY A 90 14.94 18.59 -15.98
C GLY A 90 16.04 18.18 -16.92
N GLY A 91 15.71 17.37 -17.93
CA GLY A 91 16.71 16.87 -18.87
C GLY A 91 17.80 16.08 -18.16
N ALA A 92 19.00 16.06 -18.75
CA ALA A 92 20.15 15.35 -18.20
C ALA A 92 20.83 16.23 -17.15
N VAL A 93 21.20 15.66 -16.00
CA VAL A 93 21.93 16.43 -14.98
C VAL A 93 23.15 17.09 -15.65
N GLY A 94 23.36 18.38 -15.36
CA GLY A 94 24.46 19.13 -15.95
C GLY A 94 24.12 19.92 -17.19
N GLU A 95 22.92 19.67 -17.79
CA GLU A 95 22.51 20.40 -19.01
C GLU A 95 22.32 21.88 -18.67
N SER A 96 22.56 22.78 -19.64
CA SER A 96 22.40 24.20 -19.35
C SER A 96 20.93 24.53 -19.11
N PHE A 97 20.68 25.48 -18.20
CA PHE A 97 19.32 25.87 -17.88
C PHE A 97 18.61 26.49 -19.10
N ASP A 98 19.34 27.24 -19.93
CA ASP A 98 18.72 27.80 -21.14
C ASP A 98 18.16 26.71 -22.03
N LYS A 99 18.92 25.63 -22.23
CA LYS A 99 18.46 24.53 -23.10
C LYS A 99 17.30 23.77 -22.46
N ARG A 100 17.28 23.67 -21.13
CA ARG A 100 16.19 23.00 -20.42
C ARG A 100 14.88 23.78 -20.52
N LEU A 101 14.97 25.13 -20.52
CA LEU A 101 13.76 25.96 -20.52
C LEU A 101 13.14 26.09 -21.92
N ALA A 102 14.00 26.17 -22.96
CA ALA A 102 13.56 26.49 -24.32
C ALA A 102 12.35 25.65 -24.85
N PRO A 103 12.25 24.32 -24.62
CA PRO A 103 11.11 23.56 -25.21
C PRO A 103 9.72 23.99 -24.70
N LEU A 104 9.62 24.83 -23.63
CA LEU A 104 8.31 25.36 -23.25
C LEU A 104 7.68 26.17 -24.39
N ALA A 105 8.52 26.68 -25.31
CA ALA A 105 8.06 27.47 -26.45
C ALA A 105 7.19 26.62 -27.40
N LEU A 106 7.27 25.29 -27.30
CA LEU A 106 6.42 24.39 -28.08
C LEU A 106 5.01 24.31 -27.52
N LYS A 107 4.76 24.97 -26.38
CA LYS A 107 3.45 25.05 -25.74
C LYS A 107 2.85 23.64 -25.49
N PRO A 108 3.59 22.77 -24.80
CA PRO A 108 3.01 21.45 -24.41
C PRO A 108 1.86 21.67 -23.43
N GLU A 109 0.98 20.66 -23.24
CA GLU A 109 -0.12 20.79 -22.28
C GLU A 109 0.43 20.90 -20.86
N MET A 110 1.52 20.16 -20.58
CA MET A 110 2.11 20.09 -19.26
C MET A 110 3.62 19.93 -19.38
N ALA A 111 4.37 20.34 -18.35
CA ALA A 111 5.80 20.15 -18.30
C ALA A 111 6.24 20.12 -16.87
N THR A 112 7.39 19.50 -16.61
CA THR A 112 7.91 19.44 -15.24
C THR A 112 8.59 20.77 -14.84
N LEU A 113 8.57 21.05 -13.53
CA LEU A 113 9.20 22.25 -12.97
C LEU A 113 9.94 21.77 -11.73
N ASN A 114 11.26 21.60 -11.80
CA ASN A 114 12.07 21.09 -10.65
C ASN A 114 12.23 22.20 -9.61
N ALA A 115 11.87 21.88 -8.35
CA ALA A 115 11.73 22.93 -7.32
C ALA A 115 12.93 23.14 -6.41
N GLY A 116 14.07 22.56 -6.72
CA GLY A 116 15.25 22.77 -5.90
C GLY A 116 16.46 22.04 -6.43
N THR A 117 17.60 22.32 -5.79
CA THR A 117 18.88 21.69 -6.09
C THR A 117 19.12 20.55 -5.11
N LEU A 118 19.75 19.48 -5.59
CA LEU A 118 20.16 18.41 -4.70
C LEU A 118 21.33 17.66 -5.30
N ASN A 119 22.15 17.08 -4.43
CA ASN A 119 23.15 16.12 -4.86
C ASN A 119 22.38 14.96 -5.48
N PHE A 120 22.89 14.45 -6.60
CA PHE A 120 22.14 13.46 -7.39
C PHE A 120 23.14 12.43 -7.87
N GLY A 121 23.25 11.36 -7.11
CA GLY A 121 24.31 10.40 -7.36
C GLY A 121 25.66 11.04 -7.12
N ASP A 122 26.59 10.93 -8.10
CA ASP A 122 27.93 11.49 -7.95
C ASP A 122 28.01 12.99 -8.33
N ASP A 123 26.91 13.57 -8.78
CA ASP A 123 26.87 14.94 -9.28
C ASP A 123 25.90 15.78 -8.51
N ILE A 124 25.61 16.99 -9.01
CA ILE A 124 24.63 17.87 -8.42
C ILE A 124 23.61 18.23 -9.49
N PHE A 125 22.32 18.08 -9.17
CA PHE A 125 21.23 18.52 -10.04
C PHE A 125 20.92 19.95 -9.64
N ILE A 126 21.36 20.92 -10.46
CA ILE A 126 21.31 22.32 -10.10
C ILE A 126 20.05 22.99 -10.60
N ASN A 127 19.35 23.67 -9.68
CA ASN A 127 18.20 24.50 -9.98
C ASN A 127 18.34 25.75 -9.17
N HIS A 128 19.15 26.70 -9.66
CA HIS A 128 19.42 27.93 -8.92
C HIS A 128 18.11 28.66 -8.65
N PRO A 129 17.93 29.27 -7.44
CA PRO A 129 16.66 29.99 -7.17
C PRO A 129 16.24 30.99 -8.27
N ALA A 130 17.20 31.70 -8.90
CA ALA A 130 16.83 32.68 -9.95
C ALA A 130 16.36 31.98 -11.22
N ASP A 131 16.89 30.78 -11.48
CA ASP A 131 16.48 29.98 -12.64
C ASP A 131 15.11 29.35 -12.39
N ILE A 132 14.82 28.89 -11.14
CA ILE A 132 13.47 28.40 -10.84
C ILE A 132 12.45 29.52 -11.14
N ILE A 133 12.75 30.76 -10.74
CA ILE A 133 11.83 31.86 -10.97
C ILE A 133 11.64 32.13 -12.46
N ARG A 134 12.75 32.15 -13.24
CA ARG A 134 12.55 32.42 -14.66
C ARG A 134 11.81 31.26 -15.36
N LEU A 135 11.99 30.01 -14.88
CA LEU A 135 11.22 28.92 -15.47
C LEU A 135 9.74 29.07 -15.13
N ALA A 136 9.43 29.37 -13.85
CA ALA A 136 8.04 29.59 -13.42
C ALA A 136 7.38 30.69 -14.25
N GLU A 137 8.13 31.76 -14.57
CA GLU A 137 7.60 32.83 -15.39
C GLU A 137 7.34 32.34 -16.82
N ALA A 138 8.21 31.47 -17.36
CA ALA A 138 8.00 30.95 -18.71
C ALA A 138 6.76 30.05 -18.81
N PHE A 139 6.46 29.31 -17.73
CA PHE A 139 5.25 28.47 -17.73
C PHE A 139 4.02 29.37 -17.92
N LYS A 140 3.98 30.52 -17.21
CA LYS A 140 2.89 31.46 -17.33
C LYS A 140 2.81 32.04 -18.73
N GLN A 141 3.95 32.44 -19.27
CA GLN A 141 3.90 33.07 -20.59
C GLN A 141 3.45 32.12 -21.72
N TYR A 142 3.80 30.82 -21.62
CA TYR A 142 3.44 29.86 -22.65
C TYR A 142 2.19 29.08 -22.31
N ASN A 143 1.51 29.45 -21.20
CA ASN A 143 0.24 28.84 -20.75
C ASN A 143 0.38 27.33 -20.60
N VAL A 144 1.48 26.88 -19.97
CA VAL A 144 1.78 25.47 -19.74
C VAL A 144 1.49 25.19 -18.28
N VAL A 145 0.80 24.06 -17.99
CA VAL A 145 0.51 23.67 -16.61
C VAL A 145 1.75 22.93 -16.08
N PRO A 146 2.28 23.30 -14.90
CA PRO A 146 3.44 22.60 -14.40
C PRO A 146 3.11 21.36 -13.60
N GLU A 147 4.03 20.42 -13.60
CA GLU A 147 4.08 19.36 -12.61
C GLU A 147 5.29 19.71 -11.79
N VAL A 148 5.11 20.10 -10.52
CA VAL A 148 6.24 20.59 -9.71
C VAL A 148 6.92 19.42 -9.01
N GLU A 149 8.22 19.19 -9.31
CA GLU A 149 8.99 18.06 -8.79
C GLU A 149 9.67 18.41 -7.50
N VAL A 150 9.36 17.62 -6.48
CA VAL A 150 9.84 17.81 -5.10
CA VAL A 150 9.97 17.86 -5.17
C VAL A 150 10.63 16.59 -4.70
N TYR A 151 11.85 16.77 -4.21
CA TYR A 151 12.72 15.65 -3.81
C TYR A 151 12.99 15.63 -2.31
N GLU A 152 12.56 16.68 -1.61
CA GLU A 152 12.83 16.88 -0.18
C GLU A 152 11.75 17.76 0.39
N SER A 153 11.56 17.67 1.72
CA SER A 153 10.59 18.48 2.44
C SER A 153 10.72 19.98 2.18
N GLY A 154 11.96 20.50 2.22
CA GLY A 154 12.15 21.93 2.05
C GLY A 154 11.73 22.47 0.71
N MET A 155 11.63 21.61 -0.30
CA MET A 155 11.19 22.08 -1.62
C MET A 155 9.70 22.40 -1.58
N VAL A 156 8.92 21.72 -0.72
CA VAL A 156 7.49 22.08 -0.59
C VAL A 156 7.40 23.50 -0.05
N ASP A 157 8.18 23.84 0.99
CA ASP A 157 8.14 25.20 1.54
C ASP A 157 8.59 26.21 0.51
N ALA A 158 9.62 25.86 -0.26
CA ALA A 158 10.10 26.80 -1.27
C ALA A 158 9.00 27.09 -2.28
N VAL A 159 8.28 26.06 -2.73
CA VAL A 159 7.16 26.22 -3.68
C VAL A 159 6.06 27.07 -3.02
N ALA A 160 5.75 26.82 -1.76
CA ALA A 160 4.73 27.63 -1.06
C ALA A 160 5.13 29.10 -1.04
N ARG A 161 6.43 29.41 -0.89
CA ARG A 161 6.85 30.81 -0.91
C ARG A 161 6.70 31.42 -2.31
N LEU A 162 6.97 30.63 -3.36
CA LEU A 162 6.75 31.15 -4.73
C LEU A 162 5.27 31.38 -4.99
N ILE A 163 4.38 30.54 -4.42
CA ILE A 163 2.95 30.77 -4.54
C ILE A 163 2.55 32.08 -3.82
N LYS A 164 3.06 32.25 -2.59
CA LYS A 164 2.72 33.42 -1.77
C LYS A 164 3.12 34.72 -2.51
N LYS A 165 4.25 34.70 -3.24
CA LYS A 165 4.78 35.88 -3.96
C LYS A 165 4.10 36.05 -5.31
N GLY A 166 3.26 35.11 -5.71
CA GLY A 166 2.56 35.16 -7.00
C GLY A 166 3.41 34.75 -8.18
N ILE A 167 4.52 34.06 -7.92
CA ILE A 167 5.42 33.57 -8.98
C ILE A 167 4.82 32.30 -9.57
N ILE A 168 4.26 31.45 -8.73
CA ILE A 168 3.51 30.29 -9.21
C ILE A 168 2.07 30.62 -8.90
N THR A 169 1.23 30.72 -9.93
CA THR A 169 -0.17 31.04 -9.70
C THR A 169 -1.11 29.87 -10.04
N GLN A 170 -0.56 28.79 -10.62
CA GLN A 170 -1.34 27.62 -10.96
C GLN A 170 -2.14 27.13 -9.75
N ASN A 171 -3.47 27.00 -9.89
CA ASN A 171 -4.27 26.51 -8.78
C ASN A 171 -5.45 25.70 -9.31
N PRO A 172 -5.62 24.42 -8.91
CA PRO A 172 -4.77 23.62 -8.01
C PRO A 172 -3.43 23.34 -8.65
N LEU A 173 -2.43 23.18 -7.82
CA LEU A 173 -1.08 22.87 -8.28
C LEU A 173 -0.86 21.38 -8.14
N HIS A 174 -0.16 20.78 -9.12
CA HIS A 174 0.16 19.36 -9.07
C HIS A 174 1.62 19.17 -8.71
N ILE A 175 1.85 18.45 -7.63
CA ILE A 175 3.18 18.15 -7.14
C ILE A 175 3.51 16.70 -7.41
N GLN A 176 4.73 16.42 -7.80
CA GLN A 176 5.17 15.05 -7.81
C GLN A 176 6.33 14.88 -6.83
N PHE A 177 6.16 13.92 -5.91
CA PHE A 177 7.22 13.54 -5.00
C PHE A 177 8.13 12.59 -5.72
N VAL A 178 9.42 12.93 -5.86
CA VAL A 178 10.36 12.06 -6.56
C VAL A 178 11.24 11.48 -5.48
N LEU A 179 10.98 10.19 -5.17
CA LEU A 179 11.59 9.56 -4.00
C LEU A 179 12.50 8.44 -4.39
N GLY A 180 13.67 8.39 -3.76
CA GLY A 180 14.63 7.33 -4.06
C GLY A 180 15.87 7.77 -4.80
N VAL A 181 16.03 9.07 -5.06
CA VAL A 181 17.28 9.52 -5.68
C VAL A 181 18.41 9.41 -4.64
N PRO A 182 19.63 8.96 -5.01
CA PRO A 182 20.74 8.99 -4.04
C PRO A 182 21.16 10.45 -3.83
N GLY A 183 20.75 11.02 -2.71
CA GLY A 183 20.91 12.43 -2.42
C GLY A 183 19.58 13.05 -2.06
N GLY A 184 18.46 12.44 -2.46
CA GLY A 184 17.13 12.93 -2.14
C GLY A 184 16.43 12.06 -1.10
N MET A 185 15.19 12.44 -0.77
CA MET A 185 14.42 11.68 0.21
C MET A 185 14.15 10.29 -0.36
N SER A 186 14.19 9.23 0.48
CA SER A 186 13.89 7.89 0.00
C SER A 186 12.38 7.65 -0.12
N GLY A 187 12.02 6.52 -0.72
CA GLY A 187 10.61 6.17 -0.87
C GLY A 187 10.02 5.28 0.21
N LYS A 188 10.66 5.23 1.38
CA LYS A 188 10.06 4.38 2.41
C LYS A 188 8.67 4.91 2.81
N PRO A 189 7.74 4.02 3.23
CA PRO A 189 6.39 4.46 3.54
C PRO A 189 6.33 5.63 4.53
N LYS A 190 7.18 5.65 5.57
CA LYS A 190 7.13 6.79 6.50
C LYS A 190 7.32 8.11 5.74
N ASN A 191 8.20 8.10 4.74
CA ASN A 191 8.50 9.32 4.00
C ASN A 191 7.36 9.76 3.10
N LEU A 192 6.71 8.83 2.38
CA LEU A 192 5.60 9.24 1.54
C LEU A 192 4.42 9.73 2.39
N MET A 193 4.16 9.06 3.53
CA MET A 193 3.11 9.55 4.40
C MET A 193 3.44 10.93 4.94
N TYR A 194 4.71 11.12 5.37
CA TYR A 194 5.12 12.45 5.83
C TYR A 194 4.90 13.49 4.70
N MET A 195 5.34 13.18 3.47
CA MET A 195 5.27 14.18 2.41
C MET A 195 3.85 14.55 2.04
N MET A 196 2.93 13.58 1.96
CA MET A 196 1.58 13.98 1.59
C MET A 196 0.93 14.82 2.70
N GLU A 197 1.27 14.52 3.97
CA GLU A 197 0.70 15.29 5.08
C GLU A 197 1.34 16.68 5.14
N HIS A 198 2.65 16.75 4.91
CA HIS A 198 3.35 18.04 4.85
C HIS A 198 2.80 18.92 3.74
N LEU A 199 2.59 18.34 2.56
CA LEU A 199 2.01 19.09 1.46
C LEU A 199 0.60 19.56 1.82
N LYS A 200 -0.19 18.73 2.49
CA LYS A 200 -1.55 19.14 2.85
C LYS A 200 -1.50 20.34 3.81
N GLU A 201 -0.50 20.38 4.70
CA GLU A 201 -0.36 21.51 5.61
C GLU A 201 0.07 22.79 4.89
N GLU A 202 1.01 22.67 3.96
CA GLU A 202 1.62 23.85 3.36
C GLU A 202 0.94 24.35 2.11
N ILE A 203 0.39 23.45 1.26
CA ILE A 203 -0.32 23.81 0.02
C ILE A 203 -1.60 22.95 0.02
N PRO A 204 -2.60 23.36 0.80
CA PRO A 204 -3.76 22.48 1.05
C PRO A 204 -4.54 22.03 -0.16
N THR A 205 -4.53 22.80 -1.24
CA THR A 205 -5.34 22.39 -2.41
C THR A 205 -4.50 21.65 -3.45
N ALA A 206 -3.20 21.42 -3.20
CA ALA A 206 -2.40 20.73 -4.20
C ALA A 206 -2.77 19.26 -4.30
N THR A 207 -2.66 18.74 -5.53
CA THR A 207 -2.81 17.31 -5.82
C THR A 207 -1.40 16.74 -5.90
N TRP A 208 -1.26 15.39 -5.83
CA TRP A 208 0.07 14.86 -5.85
C TRP A 208 0.15 13.50 -6.54
N ALA A 209 1.37 13.24 -7.00
CA ALA A 209 1.77 11.96 -7.56
C ALA A 209 3.09 11.57 -6.93
N VAL A 210 3.46 10.28 -7.07
CA VAL A 210 4.75 9.85 -6.58
C VAL A 210 5.49 9.04 -7.65
N ALA A 211 6.80 9.26 -7.76
CA ALA A 211 7.73 8.46 -8.55
C ALA A 211 8.69 7.82 -7.59
N GLY A 212 8.74 6.50 -7.55
CA GLY A 212 9.60 5.74 -6.67
C GLY A 212 10.72 5.15 -7.47
N ILE A 213 11.93 5.69 -7.34
CA ILE A 213 13.08 5.24 -8.11
C ILE A 213 13.53 3.86 -7.66
N GLY A 214 13.85 2.99 -8.63
CA GLY A 214 14.42 1.69 -8.33
C GLY A 214 13.57 0.87 -7.40
N ARG A 215 14.19 0.42 -6.31
CA ARG A 215 13.55 -0.43 -5.32
C ARG A 215 12.36 0.25 -4.62
N TRP A 216 12.23 1.57 -4.74
CA TRP A 216 11.12 2.22 -4.08
C TRP A 216 9.84 2.25 -4.93
N HIS A 217 9.87 1.70 -6.16
CA HIS A 217 8.69 1.72 -7.00
C HIS A 217 7.50 1.05 -6.31
N ILE A 218 7.67 -0.16 -5.78
CA ILE A 218 6.52 -0.88 -5.20
C ILE A 218 6.01 -0.23 -3.90
N PRO A 219 6.87 0.11 -2.93
CA PRO A 219 6.32 0.72 -1.71
C PRO A 219 5.61 2.05 -1.99
N THR A 220 6.15 2.90 -2.87
CA THR A 220 5.46 4.18 -3.15
C THR A 220 4.16 3.94 -3.87
N SER A 221 4.12 2.99 -4.82
CA SER A 221 2.90 2.75 -5.56
C SER A 221 1.78 2.26 -4.66
N LEU A 222 2.07 1.30 -3.79
CA LEU A 222 1.00 0.72 -2.97
C LEU A 222 0.48 1.70 -1.93
N ILE A 223 1.34 2.59 -1.41
CA ILE A 223 0.82 3.61 -0.49
C ILE A 223 -0.03 4.59 -1.28
N ALA A 224 0.46 5.06 -2.44
CA ALA A 224 -0.32 6.01 -3.22
C ALA A 224 -1.68 5.43 -3.61
N MET A 225 -1.73 4.12 -3.87
CA MET A 225 -3.00 3.48 -4.26
C MET A 225 -4.10 3.76 -3.28
N VAL A 226 -3.78 3.72 -1.97
CA VAL A 226 -4.78 3.79 -0.93
C VAL A 226 -4.81 5.12 -0.19
N THR A 227 -4.08 6.13 -0.70
CA THR A 227 -4.09 7.46 -0.08
C THR A 227 -4.55 8.56 -1.08
N GLY A 228 -5.08 8.16 -2.22
CA GLY A 228 -5.57 9.12 -3.19
C GLY A 228 -4.53 9.72 -4.10
N GLY A 229 -3.27 9.28 -3.99
CA GLY A 229 -2.24 9.84 -4.83
C GLY A 229 -2.24 9.20 -6.21
N HIS A 230 -1.50 9.82 -7.10
CA HIS A 230 -1.31 9.31 -8.46
C HIS A 230 0.10 8.74 -8.56
N ILE A 231 0.38 7.94 -9.61
CA ILE A 231 1.61 7.18 -9.67
C ILE A 231 2.32 7.31 -10.97
N ARG A 232 3.65 7.48 -10.90
CA ARG A 232 4.51 7.41 -12.06
C ARG A 232 5.34 6.13 -12.02
N CYS A 233 5.53 5.52 -13.17
CA CYS A 233 6.37 4.34 -13.33
C CYS A 233 7.13 4.50 -14.63
N GLY A 234 8.09 3.62 -14.90
CA GLY A 234 8.76 3.64 -16.19
C GLY A 234 10.25 3.48 -16.13
N PHE A 235 10.84 3.20 -17.27
CA PHE A 235 12.28 2.93 -17.39
C PHE A 235 13.16 4.06 -16.94
N GLU A 236 12.68 5.32 -17.02
CA GLU A 236 13.45 6.43 -16.51
C GLU A 236 13.77 6.25 -15.02
N ASP A 237 12.81 5.69 -14.29
CA ASP A 237 12.91 5.52 -12.83
C ASP A 237 13.30 4.13 -12.40
N ASN A 238 12.96 3.10 -13.20
CA ASN A 238 13.18 1.72 -12.80
C ASN A 238 13.08 0.82 -14.01
N ILE A 239 14.12 0.02 -14.28
CA ILE A 239 14.11 -0.85 -15.45
C ILE A 239 13.73 -2.28 -15.10
N PHE A 240 13.50 -2.58 -13.81
CA PHE A 240 13.24 -3.94 -13.35
C PHE A 240 11.79 -4.19 -13.03
N TYR A 241 11.30 -5.36 -13.44
CA TYR A 241 9.93 -5.72 -13.08
C TYR A 241 9.90 -6.34 -11.70
N HIS A 242 10.91 -7.18 -11.42
CA HIS A 242 11.19 -7.75 -10.09
C HIS A 242 12.66 -7.58 -9.82
N LYS A 243 13.09 -7.73 -8.55
CA LYS A 243 14.52 -7.66 -8.23
C LYS A 243 15.30 -8.61 -9.14
N GLY A 244 16.25 -8.07 -9.90
CA GLY A 244 17.11 -8.87 -10.78
C GLY A 244 16.46 -9.36 -12.06
N VAL A 245 15.24 -8.86 -12.36
CA VAL A 245 14.49 -9.26 -13.57
C VAL A 245 14.13 -8.04 -14.37
N ILE A 246 14.82 -7.81 -15.46
CA ILE A 246 14.61 -6.68 -16.36
C ILE A 246 13.17 -6.72 -16.89
N ALA A 247 12.53 -5.56 -16.92
CA ALA A 247 11.19 -5.43 -17.49
C ALA A 247 11.21 -5.58 -19.02
N GLU A 248 10.07 -6.03 -19.56
CA GLU A 248 9.92 -6.25 -20.99
C GLU A 248 9.56 -4.97 -21.71
N SER A 249 8.90 -4.04 -21.01
CA SER A 249 8.44 -2.79 -21.61
C SER A 249 7.97 -1.87 -20.52
N ASN A 250 7.77 -0.60 -20.86
CA ASN A 250 7.15 0.30 -19.92
C ASN A 250 5.69 -0.12 -19.68
N ALA A 251 5.03 -0.62 -20.72
CA ALA A 251 3.64 -1.04 -20.56
C ALA A 251 3.46 -2.17 -19.57
N GLN A 252 4.46 -3.05 -19.45
CA GLN A 252 4.39 -4.12 -18.46
C GLN A 252 4.32 -3.52 -17.04
N LEU A 253 5.10 -2.47 -16.78
CA LEU A 253 5.09 -1.81 -15.48
C LEU A 253 3.75 -1.10 -15.22
N VAL A 254 3.21 -0.45 -16.26
CA VAL A 254 1.90 0.21 -16.15
C VAL A 254 0.81 -0.82 -15.87
N ALA A 255 0.86 -1.95 -16.63
CA ALA A 255 -0.21 -2.94 -16.50
C ALA A 255 -0.29 -3.56 -15.12
N ARG A 256 0.86 -3.74 -14.44
CA ARG A 256 0.82 -4.28 -13.08
C ARG A 256 0.08 -3.31 -12.17
N LEU A 257 0.35 -2.00 -12.31
CA LEU A 257 -0.37 -1.02 -11.48
C LEU A 257 -1.87 -1.01 -11.81
N ALA A 258 -2.22 -1.17 -13.08
CA ALA A 258 -3.62 -1.25 -13.44
C ALA A 258 -4.28 -2.50 -12.87
N ARG A 259 -3.57 -3.62 -12.85
CA ARG A 259 -4.11 -4.85 -12.26
C ARG A 259 -4.33 -4.69 -10.75
N ILE A 260 -3.39 -4.06 -10.05
CA ILE A 260 -3.56 -3.86 -8.60
C ILE A 260 -4.72 -2.91 -8.35
N ALA A 261 -4.85 -1.85 -9.15
CA ALA A 261 -5.98 -0.95 -9.01
C ALA A 261 -7.31 -1.67 -9.22
N LYS A 262 -7.36 -2.58 -10.19
CA LYS A 262 -8.58 -3.38 -10.45
C LYS A 262 -8.87 -4.32 -9.26
N GLU A 263 -7.83 -4.96 -8.72
CA GLU A 263 -7.98 -5.84 -7.54
C GLU A 263 -8.64 -5.12 -6.37
N ILE A 264 -8.20 -3.88 -6.10
CA ILE A 264 -8.67 -3.13 -4.94
C ILE A 264 -9.91 -2.25 -5.22
N GLY A 265 -10.35 -2.18 -6.46
CA GLY A 265 -11.54 -1.41 -6.81
C GLY A 265 -11.29 0.07 -7.01
N ARG A 266 -10.04 0.47 -7.35
CA ARG A 266 -9.77 1.89 -7.62
C ARG A 266 -9.85 2.10 -9.11
N PRO A 267 -10.78 2.93 -9.60
CA PRO A 267 -10.89 3.08 -11.06
C PRO A 267 -9.72 3.87 -11.64
N LEU A 268 -9.37 3.57 -12.90
CA LEU A 268 -8.38 4.36 -13.59
C LEU A 268 -9.07 5.57 -14.15
N ALA A 269 -8.42 6.70 -14.08
CA ALA A 269 -8.96 7.92 -14.67
C ALA A 269 -9.10 7.79 -16.17
N THR A 270 -10.19 8.30 -16.71
CA THR A 270 -10.32 8.40 -18.14
C THR A 270 -9.44 9.58 -18.57
N PRO A 271 -9.14 9.76 -19.87
CA PRO A 271 -8.41 10.97 -20.31
C PRO A 271 -9.12 12.25 -19.86
N GLU A 272 -10.47 12.30 -19.93
CA GLU A 272 -11.21 13.48 -19.50
C GLU A 272 -11.03 13.73 -17.99
N GLN A 273 -11.12 12.67 -17.18
CA GLN A 273 -10.93 12.82 -15.73
C GLN A 273 -9.52 13.25 -15.41
N ALA A 274 -8.51 12.68 -16.12
CA ALA A 274 -7.11 13.09 -15.89
C ALA A 274 -6.92 14.56 -16.21
N ARG A 275 -7.52 15.05 -17.31
CA ARG A 275 -7.39 16.48 -17.65
C ARG A 275 -8.13 17.36 -16.64
N GLU A 276 -9.26 16.90 -16.09
CA GLU A 276 -10.00 17.67 -15.09
C GLU A 276 -9.21 17.75 -13.76
N ILE A 277 -8.66 16.62 -13.29
CA ILE A 277 -7.90 16.60 -12.03
C ILE A 277 -6.65 17.47 -12.14
N LEU A 278 -5.98 17.41 -13.29
CA LEU A 278 -4.72 18.12 -13.52
C LEU A 278 -4.93 19.55 -14.03
N ALA A 279 -6.20 19.97 -14.15
CA ALA A 279 -6.58 21.32 -14.57
C ALA A 279 -5.97 21.70 -15.93
N LEU A 280 -6.07 20.77 -16.88
CA LEU A 280 -5.54 20.93 -18.22
C LEU A 280 -6.56 21.45 -19.22
N ASN A 281 -7.85 21.44 -18.86
CA ASN A 281 -8.91 21.96 -19.74
C ASN A 281 -8.83 23.48 -19.90
N HIS B 6 10.62 -5.95 0.46
CA HIS B 6 9.38 -6.67 0.75
C HIS B 6 9.50 -8.13 0.30
N HIS B 7 10.66 -8.74 0.52
CA HIS B 7 10.90 -10.15 0.20
C HIS B 7 10.62 -11.02 1.43
N GLU B 8 10.20 -10.41 2.54
CA GLU B 8 9.93 -11.14 3.78
C GLU B 8 8.67 -11.98 3.60
N PRO B 9 8.60 -13.25 4.09
CA PRO B 9 7.37 -14.03 3.87
C PRO B 9 6.14 -13.37 4.47
N LEU B 10 5.01 -13.56 3.83
CA LEU B 10 3.73 -13.02 4.25
C LEU B 10 2.82 -14.11 4.82
N ILE B 11 2.36 -13.92 6.06
CA ILE B 11 1.42 -14.83 6.70
C ILE B 11 0.03 -14.23 6.55
N LEU B 12 -0.87 -15.01 5.92
CA LEU B 12 -2.24 -14.62 5.79
C LEU B 12 -3.08 -15.41 6.79
N THR B 13 -3.90 -14.70 7.55
CA THR B 13 -4.85 -15.30 8.47
C THR B 13 -6.24 -15.16 7.88
N ALA B 14 -7.05 -16.23 7.96
CA ALA B 14 -8.44 -16.14 7.54
C ALA B 14 -9.33 -16.25 8.80
N ALA B 15 -10.09 -15.18 9.10
CA ALA B 15 -11.03 -15.12 10.23
C ALA B 15 -12.37 -15.43 9.60
N ILE B 16 -12.69 -16.72 9.54
CA ILE B 16 -13.72 -17.21 8.65
C ILE B 16 -15.18 -17.06 9.10
N THR B 17 -15.43 -16.94 10.40
CA THR B 17 -16.78 -16.98 10.94
C THR B 17 -17.09 -15.81 11.87
N GLY B 18 -16.33 -15.65 12.94
CA GLY B 18 -16.60 -14.59 13.91
C GLY B 18 -17.80 -14.88 14.77
N ALA B 19 -18.20 -13.90 15.58
CA ALA B 19 -19.36 -14.09 16.47
C ALA B 19 -20.59 -13.38 15.98
N GLU B 20 -20.43 -12.31 15.19
CA GLU B 20 -21.60 -11.50 14.83
C GLU B 20 -22.07 -11.59 13.40
N THR B 21 -21.23 -12.00 12.45
CA THR B 21 -21.65 -12.05 11.05
C THR B 21 -22.86 -13.00 10.90
N THR B 22 -23.85 -12.60 10.10
CA THR B 22 -25.03 -13.40 9.88
C THR B 22 -25.03 -14.00 8.48
N ARG B 23 -25.67 -15.16 8.32
CA ARG B 23 -25.81 -15.76 7.01
C ARG B 23 -26.84 -14.95 6.17
N ALA B 24 -27.69 -14.11 6.81
CA ALA B 24 -28.64 -13.25 6.12
C ALA B 24 -27.91 -12.17 5.33
N ASP B 25 -26.76 -11.66 5.86
CA ASP B 25 -25.91 -10.66 5.21
C ASP B 25 -24.90 -11.31 4.29
N GLN B 26 -24.37 -12.47 4.72
CA GLN B 26 -23.33 -13.18 3.99
C GLN B 26 -23.78 -14.61 3.83
N PRO B 27 -24.46 -14.92 2.71
CA PRO B 27 -25.04 -16.27 2.55
C PRO B 27 -24.02 -17.40 2.56
N ASN B 28 -22.75 -17.11 2.30
CA ASN B 28 -21.76 -18.17 2.23
C ASN B 28 -20.88 -18.24 3.51
N LEU B 29 -21.42 -17.73 4.61
CA LEU B 29 -20.74 -17.82 5.92
C LEU B 29 -20.68 -19.28 6.47
N PRO B 30 -19.47 -19.83 6.80
CA PRO B 30 -19.40 -21.19 7.41
C PRO B 30 -19.79 -21.14 8.87
N ILE B 31 -20.74 -22.01 9.26
CA ILE B 31 -21.29 -22.04 10.62
C ILE B 31 -20.89 -23.31 11.37
N THR B 32 -21.05 -24.46 10.74
CA THR B 32 -20.78 -25.75 11.39
C THR B 32 -19.31 -26.15 11.28
N PRO B 33 -18.83 -27.09 12.15
CA PRO B 33 -17.45 -27.60 12.02
C PRO B 33 -17.14 -28.13 10.62
N GLU B 34 -18.06 -28.87 9.96
CA GLU B 34 -17.82 -29.38 8.59
C GLU B 34 -17.65 -28.22 7.61
N GLU B 35 -18.52 -27.19 7.70
CA GLU B 35 -18.46 -26.02 6.82
C GLU B 35 -17.16 -25.27 7.06
N GLN B 36 -16.77 -25.15 8.33
CA GLN B 36 -15.54 -24.44 8.67
C GLN B 36 -14.30 -25.20 8.17
N ALA B 37 -14.32 -26.55 8.22
CA ALA B 37 -13.22 -27.35 7.70
C ALA B 37 -13.06 -27.17 6.18
N LYS B 38 -14.18 -27.18 5.44
CA LYS B 38 -14.19 -27.00 3.99
C LYS B 38 -13.61 -25.63 3.63
N GLU B 39 -14.05 -24.59 4.36
CA GLU B 39 -13.56 -23.23 4.12
C GLU B 39 -12.08 -23.14 4.45
N ALA B 40 -11.65 -23.77 5.55
CA ALA B 40 -10.25 -23.74 5.97
C ALA B 40 -9.34 -24.36 4.89
N LYS B 41 -9.78 -25.49 4.29
CA LYS B 41 -9.00 -26.12 3.23
C LYS B 41 -8.89 -25.20 2.02
N ALA B 42 -10.03 -24.59 1.60
CA ALA B 42 -10.01 -23.68 0.46
C ALA B 42 -9.13 -22.44 0.76
N CYS B 43 -9.18 -21.94 2.00
CA CYS B 43 -8.33 -20.80 2.39
C CYS B 43 -6.86 -21.18 2.38
N PHE B 44 -6.53 -22.37 2.90
CA PHE B 44 -5.14 -22.83 2.89
C PHE B 44 -4.61 -22.91 1.45
N GLU B 45 -5.39 -23.53 0.56
CA GLU B 45 -4.99 -23.66 -0.84
C GLU B 45 -4.82 -22.28 -1.52
N ALA B 46 -5.58 -21.26 -1.04
CA ALA B 46 -5.50 -19.91 -1.60
C ALA B 46 -4.31 -19.11 -1.03
N GLY B 47 -3.69 -19.63 0.05
CA GLY B 47 -2.52 -18.99 0.65
C GLY B 47 -2.57 -18.73 2.15
N ALA B 48 -3.70 -19.03 2.83
CA ALA B 48 -3.78 -18.79 4.29
C ALA B 48 -2.96 -19.80 5.06
N ARG B 49 -2.30 -19.35 6.13
CA ARG B 49 -1.52 -20.25 6.97
C ARG B 49 -2.08 -20.32 8.38
N VAL B 50 -3.00 -19.40 8.72
CA VAL B 50 -3.65 -19.38 10.02
C VAL B 50 -5.15 -19.27 9.83
N ILE B 51 -5.95 -20.03 10.62
CA ILE B 51 -7.40 -19.85 10.73
C ILE B 51 -7.68 -19.26 12.08
N HIS B 52 -8.33 -18.09 12.13
CA HIS B 52 -8.79 -17.49 13.39
C HIS B 52 -10.20 -18.01 13.59
N LEU B 53 -10.39 -18.82 14.65
CA LEU B 53 -11.61 -19.57 14.86
C LEU B 53 -12.50 -19.14 16.00
N HIS B 54 -13.73 -18.80 15.62
CA HIS B 54 -14.90 -18.71 16.47
C HIS B 54 -15.80 -19.86 16.10
N ILE B 55 -16.53 -20.38 17.05
CA ILE B 55 -17.48 -21.48 16.80
C ILE B 55 -18.91 -21.00 16.98
N ARG B 56 -19.82 -21.73 16.33
CA ARG B 56 -21.24 -21.47 16.40
C ARG B 56 -21.99 -22.73 16.68
N GLU B 57 -23.18 -22.61 17.26
CA GLU B 57 -24.12 -23.73 17.34
C GLU B 57 -24.71 -23.89 15.93
N ASP B 58 -25.38 -25.01 15.64
CA ASP B 58 -25.94 -25.22 14.30
C ASP B 58 -26.94 -24.11 13.88
N ASP B 59 -27.59 -23.46 14.86
CA ASP B 59 -28.57 -22.38 14.61
C ASP B 59 -27.90 -21.03 14.35
N GLY B 60 -26.55 -21.00 14.38
CA GLY B 60 -25.79 -19.79 14.12
C GLY B 60 -25.45 -18.95 15.34
N ARG B 61 -25.88 -19.37 16.54
CA ARG B 61 -25.60 -18.66 17.80
C ARG B 61 -24.13 -18.82 18.17
N PRO B 62 -23.44 -17.77 18.66
CA PRO B 62 -22.04 -17.98 19.06
C PRO B 62 -21.94 -18.98 20.22
N SER B 63 -20.87 -19.77 20.22
CA SER B 63 -20.64 -20.78 21.26
C SER B 63 -19.26 -20.63 21.92
N GLN B 64 -19.18 -21.07 23.16
CA GLN B 64 -17.93 -21.15 23.92
C GLN B 64 -17.71 -22.57 24.43
N ARG B 65 -18.55 -23.51 24.02
CA ARG B 65 -18.47 -24.87 24.56
C ARG B 65 -17.20 -25.58 24.12
N LEU B 66 -16.50 -26.21 25.08
CA LEU B 66 -15.25 -26.91 24.77
C LEU B 66 -15.47 -28.10 23.88
N ASP B 67 -16.60 -28.84 24.04
CA ASP B 67 -16.86 -29.96 23.13
C ASP B 67 -17.08 -29.48 21.68
N ARG B 68 -17.75 -28.34 21.49
CA ARG B 68 -17.95 -27.77 20.15
C ARG B 68 -16.62 -27.22 19.58
N PHE B 69 -15.78 -26.59 20.44
CA PHE B 69 -14.47 -26.13 19.97
C PHE B 69 -13.65 -27.34 19.54
N GLN B 70 -13.62 -28.42 20.35
CA GLN B 70 -12.86 -29.60 19.96
C GLN B 70 -13.36 -30.18 18.62
N GLU B 71 -14.70 -30.17 18.38
CA GLU B 71 -15.29 -30.66 17.14
C GLU B 71 -14.77 -29.88 15.96
N ALA B 72 -14.79 -28.55 16.05
CA ALA B 72 -14.31 -27.70 14.95
C ALA B 72 -12.80 -27.85 14.74
N ILE B 73 -12.00 -27.83 15.82
CA ILE B 73 -10.55 -28.00 15.70
C ILE B 73 -10.23 -29.33 15.03
N SER B 74 -10.86 -30.42 15.46
CA SER B 74 -10.63 -31.73 14.89
C SER B 74 -11.05 -31.80 13.43
N ALA B 75 -12.20 -31.19 13.05
CA ALA B 75 -12.66 -31.22 11.67
C ALA B 75 -11.67 -30.48 10.76
N ILE B 76 -11.15 -29.31 11.22
CA ILE B 76 -10.19 -28.58 10.41
C ILE B 76 -8.88 -29.38 10.31
N ARG B 77 -8.36 -29.88 11.44
CA ARG B 77 -7.08 -30.65 11.44
C ARG B 77 -7.14 -31.86 10.52
N GLU B 78 -8.31 -32.52 10.45
CA GLU B 78 -8.44 -33.73 9.65
C GLU B 78 -8.29 -33.45 8.16
N VAL B 79 -8.79 -32.30 7.67
CA VAL B 79 -8.74 -32.00 6.23
C VAL B 79 -7.52 -31.12 5.86
N VAL B 80 -7.02 -30.30 6.79
CA VAL B 80 -5.88 -29.44 6.50
C VAL B 80 -4.97 -29.36 7.76
N PRO B 81 -4.19 -30.45 8.03
CA PRO B 81 -3.38 -30.48 9.26
C PRO B 81 -2.26 -29.44 9.29
N GLU B 82 -1.88 -28.90 8.13
CA GLU B 82 -0.79 -27.93 8.05
C GLU B 82 -1.17 -26.55 8.57
N ILE B 83 -2.47 -26.20 8.52
CA ILE B 83 -2.88 -24.86 8.93
C ILE B 83 -2.80 -24.71 10.45
N ILE B 84 -2.49 -23.49 10.87
CA ILE B 84 -2.43 -23.14 12.30
C ILE B 84 -3.82 -22.75 12.73
N ILE B 85 -4.39 -23.43 13.74
CA ILE B 85 -5.73 -23.12 14.24
C ILE B 85 -5.57 -22.25 15.50
N GLN B 86 -5.94 -20.98 15.35
CA GLN B 86 -5.85 -19.98 16.41
C GLN B 86 -7.24 -19.76 16.99
N ILE B 87 -7.47 -20.12 18.26
CA ILE B 87 -8.82 -19.94 18.75
C ILE B 87 -9.02 -18.52 19.33
N SER B 88 -10.24 -18.04 19.24
CA SER B 88 -10.60 -16.76 19.81
C SER B 88 -10.88 -16.88 21.27
N THR B 89 -10.27 -16.00 22.07
CA THR B 89 -10.67 -15.85 23.48
C THR B 89 -11.53 -14.58 23.63
N GLY B 90 -11.81 -13.87 22.52
CA GLY B 90 -12.69 -12.71 22.55
C GLY B 90 -14.14 -13.16 22.57
N GLY B 91 -14.49 -14.08 21.67
CA GLY B 91 -15.84 -14.58 21.57
C GLY B 91 -16.82 -13.47 21.24
N ALA B 92 -18.08 -13.66 21.63
CA ALA B 92 -19.15 -12.69 21.41
C ALA B 92 -19.10 -11.62 22.47
N VAL B 93 -19.17 -10.35 22.08
CA VAL B 93 -19.17 -9.25 23.04
C VAL B 93 -20.29 -9.55 24.10
N GLY B 94 -19.97 -9.40 25.37
CA GLY B 94 -20.91 -9.67 26.45
C GLY B 94 -20.74 -11.04 27.10
N GLU B 95 -19.98 -11.95 26.46
CA GLU B 95 -19.76 -13.29 27.00
C GLU B 95 -18.98 -13.22 28.31
N SER B 96 -19.21 -14.18 29.22
CA SER B 96 -18.50 -14.16 30.50
C SER B 96 -17.02 -14.44 30.28
N PHE B 97 -16.17 -13.85 31.13
CA PHE B 97 -14.74 -14.05 30.98
C PHE B 97 -14.36 -15.51 31.29
N ASP B 98 -15.04 -16.17 32.26
CA ASP B 98 -14.74 -17.58 32.53
C ASP B 98 -14.93 -18.42 31.28
N LYS B 99 -16.02 -18.20 30.52
CA LYS B 99 -16.28 -18.99 29.31
C LYS B 99 -15.29 -18.63 28.20
N ARG B 100 -14.82 -17.39 28.15
CA ARG B 100 -13.84 -16.98 27.15
C ARG B 100 -12.47 -17.62 27.41
N LEU B 101 -12.09 -17.79 28.70
CA LEU B 101 -10.78 -18.33 29.04
C LEU B 101 -10.71 -19.85 28.94
N ALA B 102 -11.79 -20.54 29.32
CA ALA B 102 -11.81 -22.01 29.43
C ALA B 102 -11.24 -22.79 28.22
N PRO B 103 -11.49 -22.42 26.96
CA PRO B 103 -10.98 -23.21 25.83
C PRO B 103 -9.46 -23.26 25.71
N LEU B 104 -8.70 -22.45 26.47
CA LEU B 104 -7.25 -22.59 26.46
C LEU B 104 -6.82 -23.97 26.98
N ALA B 105 -7.70 -24.63 27.78
CA ALA B 105 -7.41 -25.95 28.31
C ALA B 105 -7.36 -27.01 27.20
N LEU B 106 -7.87 -26.69 25.99
CA LEU B 106 -7.78 -27.58 24.83
C LEU B 106 -6.36 -27.54 24.22
N LYS B 107 -5.47 -26.66 24.76
CA LYS B 107 -4.09 -26.58 24.32
C LYS B 107 -3.97 -26.38 22.81
N PRO B 108 -4.65 -25.34 22.27
CA PRO B 108 -4.45 -25.00 20.84
C PRO B 108 -3.01 -24.49 20.63
N GLU B 109 -2.53 -24.46 19.38
CA GLU B 109 -1.18 -23.93 19.11
C GLU B 109 -1.09 -22.45 19.47
N MET B 110 -2.19 -21.71 19.21
CA MET B 110 -2.26 -20.28 19.38
C MET B 110 -3.66 -19.87 19.77
N ALA B 111 -3.78 -18.71 20.45
CA ALA B 111 -5.08 -18.17 20.78
C ALA B 111 -4.92 -16.66 20.91
N THR B 112 -6.01 -15.95 20.75
CA THR B 112 -5.96 -14.50 20.89
C THR B 112 -5.97 -14.08 22.36
N LEU B 113 -5.40 -12.90 22.64
CA LEU B 113 -5.33 -12.33 23.98
C LEU B 113 -5.68 -10.87 23.79
N ASN B 114 -6.92 -10.48 24.09
CA ASN B 114 -7.35 -9.08 23.89
C ASN B 114 -6.77 -8.19 24.99
N ALA B 115 -6.10 -7.09 24.59
CA ALA B 115 -5.27 -6.33 25.51
C ALA B 115 -5.94 -5.12 26.14
N GLY B 116 -7.25 -4.96 25.99
CA GLY B 116 -7.92 -3.83 26.60
C GLY B 116 -9.41 -3.84 26.33
N THR B 117 -10.10 -2.92 27.02
CA THR B 117 -11.52 -2.69 26.86
C THR B 117 -11.76 -1.57 25.88
N LEU B 118 -12.83 -1.68 25.08
CA LEU B 118 -13.23 -0.57 24.23
C LEU B 118 -14.70 -0.67 23.93
N ASN B 119 -15.31 0.49 23.70
CA ASN B 119 -16.64 0.54 23.11
C ASN B 119 -16.56 -0.12 21.75
N PHE B 120 -17.57 -0.95 21.42
CA PHE B 120 -17.50 -1.78 20.24
C PHE B 120 -18.89 -1.77 19.62
N GLY B 121 -19.08 -0.88 18.65
CA GLY B 121 -20.39 -0.67 18.09
C GLY B 121 -21.30 -0.10 19.17
N ASP B 122 -22.47 -0.71 19.36
CA ASP B 122 -23.43 -0.22 20.35
C ASP B 122 -23.15 -0.72 21.78
N ASP B 123 -22.14 -1.59 21.95
CA ASP B 123 -21.87 -2.22 23.23
C ASP B 123 -20.46 -1.92 23.69
N ILE B 124 -20.00 -2.63 24.72
CA ILE B 124 -18.65 -2.52 25.24
C ILE B 124 -18.03 -3.89 25.21
N PHE B 125 -16.81 -3.98 24.66
CA PHE B 125 -16.03 -5.21 24.67
C PHE B 125 -15.14 -5.12 25.92
N ILE B 126 -15.52 -5.85 26.97
CA ILE B 126 -14.86 -5.72 28.27
C ILE B 126 -13.72 -6.68 28.46
N ASN B 127 -12.57 -6.13 28.88
CA ASN B 127 -11.37 -6.90 29.23
C ASN B 127 -10.80 -6.26 30.48
N HIS B 128 -11.38 -6.58 31.66
CA HIS B 128 -10.94 -5.98 32.92
C HIS B 128 -9.46 -6.25 33.12
N PRO B 129 -8.68 -5.28 33.65
CA PRO B 129 -7.24 -5.53 33.88
C PRO B 129 -6.94 -6.83 34.65
N ALA B 130 -7.75 -7.21 35.67
CA ALA B 130 -7.47 -8.44 36.42
C ALA B 130 -7.74 -9.67 35.56
N ASP B 131 -8.70 -9.58 34.63
CA ASP B 131 -9.02 -10.68 33.73
C ASP B 131 -7.95 -10.80 32.65
N ILE B 132 -7.41 -9.69 32.14
CA ILE B 132 -6.28 -9.79 31.21
C ILE B 132 -5.13 -10.55 31.89
N ILE B 133 -4.84 -10.24 33.16
CA ILE B 133 -3.73 -10.90 33.85
C ILE B 133 -4.02 -12.40 34.05
N ARG B 134 -5.25 -12.77 34.45
CA ARG B 134 -5.50 -14.18 34.64
C ARG B 134 -5.50 -14.92 33.30
N LEU B 135 -5.89 -14.24 32.18
CA LEU B 135 -5.80 -14.90 30.88
C LEU B 135 -4.33 -15.08 30.48
N ALA B 136 -3.49 -14.06 30.70
CA ALA B 136 -2.05 -14.17 30.41
C ALA B 136 -1.42 -15.33 31.22
N GLU B 137 -1.85 -15.52 32.49
CA GLU B 137 -1.39 -16.62 33.31
C GLU B 137 -1.85 -17.96 32.72
N ALA B 138 -3.08 -18.03 32.16
CA ALA B 138 -3.57 -19.26 31.56
C ALA B 138 -2.80 -19.63 30.31
N PHE B 139 -2.33 -18.64 29.53
CA PHE B 139 -1.48 -18.97 28.38
C PHE B 139 -0.21 -19.73 28.83
N LYS B 140 0.40 -19.31 29.97
CA LYS B 140 1.57 -20.00 30.53
C LYS B 140 1.19 -21.38 31.04
N GLN B 141 0.05 -21.47 31.78
CA GLN B 141 -0.42 -22.74 32.37
C GLN B 141 -0.62 -23.83 31.31
N TYR B 142 -1.20 -23.45 30.16
CA TYR B 142 -1.53 -24.39 29.10
C TYR B 142 -0.55 -24.40 27.92
N ASN B 143 0.56 -23.64 28.02
CA ASN B 143 1.62 -23.62 27.01
C ASN B 143 1.07 -23.25 25.61
N VAL B 144 0.26 -22.19 25.57
CA VAL B 144 -0.33 -21.68 24.31
C VAL B 144 0.36 -20.38 23.96
N VAL B 145 0.65 -20.16 22.68
CA VAL B 145 1.26 -18.91 22.24
C VAL B 145 0.17 -17.87 21.99
N PRO B 146 0.27 -16.66 22.54
CA PRO B 146 -0.76 -15.67 22.28
C PRO B 146 -0.58 -14.87 20.99
N GLU B 147 -1.69 -14.42 20.42
CA GLU B 147 -1.70 -13.34 19.44
C GLU B 147 -2.34 -12.20 20.22
N VAL B 148 -1.61 -11.13 20.50
CA VAL B 148 -2.13 -10.08 21.35
C VAL B 148 -2.87 -9.04 20.49
N GLU B 149 -4.17 -8.85 20.75
CA GLU B 149 -5.04 -7.96 19.96
C GLU B 149 -5.06 -6.58 20.54
N VAL B 150 -4.66 -5.60 19.70
CA VAL B 150 -4.54 -4.22 20.09
C VAL B 150 -5.48 -3.40 19.19
N TYR B 151 -6.29 -2.54 19.81
CA TYR B 151 -7.30 -1.74 19.07
C TYR B 151 -7.02 -0.27 19.18
N GLU B 152 -6.04 0.11 20.04
CA GLU B 152 -5.69 1.49 20.33
C GLU B 152 -4.27 1.55 20.78
N SER B 153 -3.65 2.74 20.64
CA SER B 153 -2.28 2.98 21.06
C SER B 153 -1.99 2.57 22.50
N GLY B 154 -2.88 2.93 23.44
CA GLY B 154 -2.63 2.63 24.85
C GLY B 154 -2.59 1.15 25.18
N MET B 155 -3.13 0.31 24.31
CA MET B 155 -3.05 -1.13 24.57
C MET B 155 -1.65 -1.62 24.34
N VAL B 156 -0.86 -0.99 23.44
CA VAL B 156 0.54 -1.37 23.27
C VAL B 156 1.29 -1.08 24.58
N ASP B 157 1.06 0.10 25.19
CA ASP B 157 1.75 0.42 26.44
C ASP B 157 1.33 -0.55 27.53
N ALA B 158 0.03 -0.89 27.57
CA ALA B 158 -0.43 -1.81 28.61
C ALA B 158 0.25 -3.15 28.46
N VAL B 159 0.42 -3.64 27.21
CA VAL B 159 1.11 -4.92 26.98
C VAL B 159 2.59 -4.80 27.38
N ALA B 160 3.24 -3.66 27.04
CA ALA B 160 4.63 -3.46 27.43
C ALA B 160 4.79 -3.52 28.97
N ARG B 161 3.80 -2.99 29.70
CA ARG B 161 3.87 -3.07 31.18
C ARG B 161 3.70 -4.52 31.67
N LEU B 162 2.85 -5.33 31.00
CA LEU B 162 2.74 -6.72 31.41
C LEU B 162 4.03 -7.49 31.10
N ILE B 163 4.73 -7.11 30.01
CA ILE B 163 6.04 -7.72 29.72
C ILE B 163 7.05 -7.34 30.81
N LYS B 164 7.08 -6.05 31.17
CA LYS B 164 8.04 -5.58 32.18
C LYS B 164 7.84 -6.32 33.51
N LYS B 165 6.59 -6.60 33.87
CA LYS B 165 6.23 -7.29 35.13
C LYS B 165 6.42 -8.80 35.05
N GLY B 166 6.71 -9.33 33.87
CA GLY B 166 6.91 -10.75 33.63
C GLY B 166 5.62 -11.54 33.54
N ILE B 167 4.50 -10.84 33.31
CA ILE B 167 3.18 -11.47 33.16
C ILE B 167 3.09 -12.05 31.76
N ILE B 168 3.61 -11.33 30.76
CA ILE B 168 3.73 -11.86 29.41
C ILE B 168 5.21 -12.09 29.23
N THR B 169 5.61 -13.34 29.00
CA THR B 169 7.02 -13.64 28.79
C THR B 169 7.31 -14.11 27.38
N GLN B 170 6.27 -14.32 26.57
CA GLN B 170 6.41 -14.76 25.19
C GLN B 170 7.32 -13.81 24.45
N ASN B 171 8.37 -14.34 23.83
CA ASN B 171 9.33 -13.52 23.08
C ASN B 171 9.86 -14.33 21.89
N PRO B 172 9.71 -13.85 20.64
CA PRO B 172 9.05 -12.60 20.23
C PRO B 172 7.56 -12.68 20.45
N LEU B 173 6.96 -11.54 20.67
CA LEU B 173 5.52 -11.45 20.87
C LEU B 173 4.86 -11.05 19.58
N HIS B 174 3.71 -11.66 19.26
CA HIS B 174 2.98 -11.32 18.05
C HIS B 174 1.79 -10.46 18.40
N ILE B 175 1.74 -9.27 17.82
CA ILE B 175 0.66 -8.33 18.00
C ILE B 175 -0.19 -8.27 16.77
N GLN B 176 -1.49 -8.19 16.95
CA GLN B 176 -2.32 -7.88 15.80
C GLN B 176 -3.04 -6.57 16.06
N PHE B 177 -2.87 -5.62 15.14
CA PHE B 177 -3.61 -4.36 15.17
C PHE B 177 -4.97 -4.61 14.59
N VAL B 178 -6.02 -4.34 15.35
CA VAL B 178 -7.38 -4.54 14.87
C VAL B 178 -7.97 -3.18 14.64
N LEU B 179 -8.06 -2.77 13.37
CA LEU B 179 -8.36 -1.39 13.02
C LEU B 179 -9.66 -1.30 12.27
N GLY B 180 -10.47 -0.31 12.63
CA GLY B 180 -11.76 -0.11 11.97
C GLY B 180 -12.97 -0.45 12.81
N VAL B 181 -12.80 -0.86 14.06
CA VAL B 181 -13.95 -1.11 14.93
C VAL B 181 -14.61 0.24 15.23
N PRO B 182 -15.97 0.37 15.21
CA PRO B 182 -16.59 1.62 15.66
C PRO B 182 -16.40 1.71 17.19
N GLY B 183 -15.48 2.57 17.59
CA GLY B 183 -15.03 2.70 18.97
C GLY B 183 -13.52 2.53 19.08
N GLY B 184 -12.90 1.85 18.11
CA GLY B 184 -11.45 1.64 18.08
C GLY B 184 -10.75 2.52 17.07
N MET B 185 -9.42 2.39 17.02
CA MET B 185 -8.65 3.17 16.05
C MET B 185 -9.04 2.74 14.64
N SER B 186 -9.12 3.69 13.69
CA SER B 186 -9.47 3.33 12.31
C SER B 186 -8.28 2.76 11.56
N GLY B 187 -8.53 2.24 10.38
CA GLY B 187 -7.47 1.68 9.54
C GLY B 187 -6.88 2.64 8.52
N LYS B 188 -7.03 3.96 8.71
CA LYS B 188 -6.43 4.86 7.74
C LYS B 188 -4.90 4.67 7.74
N PRO B 189 -4.24 4.92 6.59
CA PRO B 189 -2.80 4.68 6.50
C PRO B 189 -2.00 5.40 7.61
N LYS B 190 -2.34 6.67 7.95
CA LYS B 190 -1.60 7.37 9.02
C LYS B 190 -1.61 6.51 10.31
N ASN B 191 -2.72 5.85 10.59
CA ASN B 191 -2.86 5.09 11.82
C ASN B 191 -2.05 3.83 11.81
N LEU B 192 -2.05 3.07 10.71
CA LEU B 192 -1.25 1.85 10.69
C LEU B 192 0.25 2.18 10.71
N MET B 193 0.66 3.26 10.03
CA MET B 193 2.06 3.67 10.12
C MET B 193 2.41 4.07 11.53
N TYR B 194 1.54 4.87 12.17
CA TYR B 194 1.77 5.23 13.58
C TYR B 194 1.89 3.95 14.43
N MET B 195 0.97 3.01 14.28
CA MET B 195 0.98 1.85 15.17
C MET B 195 2.19 0.97 15.00
N MET B 196 2.64 0.73 13.78
CA MET B 196 3.85 -0.11 13.64
C MET B 196 5.06 0.60 14.23
N GLU B 197 5.12 1.94 14.08
CA GLU B 197 6.26 2.69 14.62
C GLU B 197 6.21 2.77 16.15
N HIS B 198 5.00 2.94 16.69
CA HIS B 198 4.81 2.97 18.14
C HIS B 198 5.16 1.61 18.75
N LEU B 199 4.73 0.53 18.10
CA LEU B 199 5.07 -0.81 18.59
C LEU B 199 6.59 -1.01 18.52
N LYS B 200 7.26 -0.54 17.46
CA LYS B 200 8.72 -0.68 17.38
C LYS B 200 9.41 0.05 18.52
N GLU B 201 8.87 1.19 18.94
CA GLU B 201 9.47 1.93 20.05
C GLU B 201 9.24 1.20 21.37
N GLU B 202 8.04 0.68 21.60
CA GLU B 202 7.68 0.14 22.91
C GLU B 202 8.00 -1.31 23.12
N ILE B 203 7.89 -2.13 22.07
CA ILE B 203 8.17 -3.59 22.12
C ILE B 203 8.99 -3.90 20.87
N PRO B 204 10.30 -3.57 20.90
CA PRO B 204 11.10 -3.59 19.67
C PRO B 204 11.17 -4.92 18.94
N THR B 205 11.05 -6.03 19.65
CA THR B 205 11.18 -7.32 18.98
C THR B 205 9.82 -7.92 18.58
N ALA B 206 8.70 -7.23 18.83
CA ALA B 206 7.41 -7.77 18.46
C ALA B 206 7.22 -7.82 16.95
N THR B 207 6.52 -8.85 16.50
CA THR B 207 6.07 -8.99 15.11
C THR B 207 4.63 -8.50 15.07
N TRP B 208 4.12 -8.20 13.87
CA TRP B 208 2.76 -7.70 13.83
C TRP B 208 1.99 -8.12 12.60
N ALA B 209 0.67 -8.11 12.77
CA ALA B 209 -0.31 -8.32 11.72
C ALA B 209 -1.35 -7.23 11.83
N VAL B 210 -2.16 -7.08 10.78
CA VAL B 210 -3.25 -6.11 10.83
C VAL B 210 -4.54 -6.74 10.29
N ALA B 211 -5.64 -6.46 10.99
CA ALA B 211 -6.99 -6.77 10.56
C ALA B 211 -7.69 -5.45 10.31
N GLY B 212 -8.14 -5.23 9.09
CA GLY B 212 -8.82 -3.99 8.70
C GLY B 212 -10.29 -4.28 8.54
N ILE B 213 -11.13 -3.84 9.47
CA ILE B 213 -12.56 -4.10 9.45
C ILE B 213 -13.22 -3.33 8.33
N GLY B 214 -14.15 -4.00 7.65
CA GLY B 214 -14.94 -3.34 6.63
C GLY B 214 -14.13 -2.63 5.57
N ARG B 215 -14.44 -1.34 5.36
CA ARG B 215 -13.78 -0.51 4.35
C ARG B 215 -12.29 -0.37 4.58
N TRP B 216 -11.80 -0.73 5.76
CA TRP B 216 -10.36 -0.57 6.00
C TRP B 216 -9.54 -1.77 5.58
N HIS B 217 -10.18 -2.82 5.06
CA HIS B 217 -9.43 -3.99 4.62
C HIS B 217 -8.37 -3.65 3.57
N ILE B 218 -8.72 -2.93 2.51
CA ILE B 218 -7.75 -2.66 1.45
C ILE B 218 -6.62 -1.71 1.92
N PRO B 219 -6.89 -0.58 2.57
CA PRO B 219 -5.78 0.29 2.97
C PRO B 219 -4.83 -0.41 3.94
N THR B 220 -5.34 -1.18 4.91
CA THR B 220 -4.44 -1.87 5.84
C THR B 220 -3.62 -2.93 5.15
N SER B 221 -4.24 -3.68 4.24
CA SER B 221 -3.53 -4.75 3.55
C SER B 221 -2.41 -4.22 2.70
N LEU B 222 -2.65 -3.15 1.91
CA LEU B 222 -1.61 -2.66 0.99
C LEU B 222 -0.45 -2.01 1.76
N ILE B 223 -0.73 -1.39 2.90
CA ILE B 223 0.36 -0.85 3.69
C ILE B 223 1.14 -2.00 4.31
N ALA B 224 0.45 -3.03 4.87
CA ALA B 224 1.18 -4.15 5.45
C ALA B 224 2.03 -4.88 4.43
N MET B 225 1.56 -4.94 3.18
CA MET B 225 2.31 -5.62 2.14
C MET B 225 3.73 -5.11 2.02
N VAL B 226 3.91 -3.78 2.14
CA VAL B 226 5.20 -3.16 1.86
C VAL B 226 5.91 -2.68 3.11
N THR B 227 5.43 -3.06 4.30
CA THR B 227 6.09 -2.68 5.56
C THR B 227 6.45 -3.91 6.40
N GLY B 228 6.38 -5.12 5.81
CA GLY B 228 6.74 -6.33 6.52
C GLY B 228 5.69 -6.91 7.44
N GLY B 229 4.50 -6.31 7.49
CA GLY B 229 3.47 -6.83 8.34
C GLY B 229 2.76 -8.01 7.73
N HIS B 230 1.99 -8.69 8.57
CA HIS B 230 1.16 -9.82 8.14
C HIS B 230 -0.29 -9.36 8.10
N ILE B 231 -1.16 -10.15 7.43
CA ILE B 231 -2.51 -9.67 7.18
C ILE B 231 -3.55 -10.68 7.54
N ARG B 232 -4.62 -10.21 8.18
CA ARG B 232 -5.81 -10.98 8.42
C ARG B 232 -6.94 -10.49 7.50
N CYS B 233 -7.74 -11.42 6.99
CA CYS B 233 -8.90 -11.09 6.18
C CYS B 233 -9.99 -12.08 6.60
N GLY B 234 -11.18 -11.89 6.09
CA GLY B 234 -12.24 -12.87 6.35
C GLY B 234 -13.56 -12.27 6.73
N PHE B 235 -14.60 -13.10 6.65
CA PHE B 235 -15.98 -12.67 6.90
C PHE B 235 -16.20 -12.12 8.29
N GLU B 236 -15.40 -12.53 9.29
CA GLU B 236 -15.54 -11.96 10.63
C GLU B 236 -15.33 -10.45 10.60
N ASP B 237 -14.42 -10.01 9.74
CA ASP B 237 -14.03 -8.59 9.64
C ASP B 237 -14.63 -7.86 8.50
N ASN B 238 -14.93 -8.56 7.39
CA ASN B 238 -15.41 -7.90 6.20
C ASN B 238 -16.09 -8.92 5.31
N ILE B 239 -17.37 -8.70 4.95
CA ILE B 239 -18.06 -9.67 4.11
C ILE B 239 -18.04 -9.25 2.63
N PHE B 240 -17.48 -8.07 2.32
CA PHE B 240 -17.48 -7.52 0.97
C PHE B 240 -16.16 -7.67 0.24
N TYR B 241 -16.24 -8.02 -1.05
CA TYR B 241 -15.04 -8.12 -1.88
C TYR B 241 -14.70 -6.69 -2.37
N HIS B 242 -15.71 -5.94 -2.77
CA HIS B 242 -15.63 -4.53 -3.13
C HIS B 242 -16.78 -3.81 -2.46
N LYS B 243 -16.75 -2.48 -2.37
CA LYS B 243 -17.87 -1.73 -1.77
C LYS B 243 -19.17 -2.13 -2.51
N GLY B 244 -20.14 -2.66 -1.76
CA GLY B 244 -21.43 -3.09 -2.32
C GLY B 244 -21.41 -4.40 -3.10
N VAL B 245 -20.28 -5.12 -3.09
CA VAL B 245 -20.11 -6.41 -3.77
C VAL B 245 -19.75 -7.46 -2.71
N ILE B 246 -20.70 -8.29 -2.34
CA ILE B 246 -20.51 -9.38 -1.38
C ILE B 246 -19.38 -10.31 -1.84
N ALA B 247 -18.55 -10.80 -0.91
CA ALA B 247 -17.54 -11.79 -1.25
C ALA B 247 -18.20 -13.15 -1.41
N GLU B 248 -17.63 -13.95 -2.32
CA GLU B 248 -18.11 -15.28 -2.68
CA GLU B 248 -18.06 -15.30 -2.70
C GLU B 248 -17.73 -16.31 -1.60
N SER B 249 -16.57 -16.11 -0.95
CA SER B 249 -16.06 -17.03 0.08
C SER B 249 -14.94 -16.34 0.82
N ASN B 250 -14.49 -16.95 1.92
CA ASN B 250 -13.31 -16.41 2.58
C ASN B 250 -12.09 -16.63 1.68
N ALA B 251 -12.05 -17.77 0.95
CA ALA B 251 -10.91 -18.04 0.10
C ALA B 251 -10.75 -16.99 -1.02
N GLN B 252 -11.86 -16.40 -1.49
CA GLN B 252 -11.78 -15.35 -2.51
C GLN B 252 -11.00 -14.14 -1.96
N LEU B 253 -11.24 -13.79 -0.68
CA LEU B 253 -10.54 -12.67 -0.03
C LEU B 253 -9.06 -13.01 0.15
N VAL B 254 -8.76 -14.25 0.55
CA VAL B 254 -7.37 -14.69 0.71
C VAL B 254 -6.65 -14.67 -0.65
N ALA B 255 -7.33 -15.17 -1.70
CA ALA B 255 -6.69 -15.28 -3.02
C ALA B 255 -6.32 -13.90 -3.59
N ARG B 256 -7.11 -12.87 -3.32
CA ARG B 256 -6.78 -11.53 -3.79
C ARG B 256 -5.49 -11.07 -3.15
N LEU B 257 -5.34 -11.33 -1.83
CA LEU B 257 -4.10 -10.93 -1.16
C LEU B 257 -2.90 -11.72 -1.70
N ALA B 258 -3.11 -13.01 -2.02
CA ALA B 258 -2.03 -13.80 -2.59
C ALA B 258 -1.67 -13.28 -3.98
N ARG B 259 -2.66 -12.85 -4.78
CA ARG B 259 -2.38 -12.31 -6.10
C ARG B 259 -1.59 -11.00 -5.99
N ILE B 260 -1.95 -10.11 -5.06
CA ILE B 260 -1.22 -8.84 -4.90
C ILE B 260 0.21 -9.13 -4.45
N ALA B 261 0.38 -10.08 -3.51
CA ALA B 261 1.71 -10.44 -3.08
C ALA B 261 2.54 -10.97 -4.26
N LYS B 262 1.94 -11.78 -5.14
CA LYS B 262 2.64 -12.32 -6.29
C LYS B 262 3.00 -11.19 -7.28
N GLU B 263 2.09 -10.20 -7.49
CA GLU B 263 2.34 -9.06 -8.35
C GLU B 263 3.61 -8.29 -7.91
N ILE B 264 3.76 -8.08 -6.58
CA ILE B 264 4.84 -7.27 -6.05
C ILE B 264 6.09 -8.09 -5.67
N GLY B 265 6.03 -9.41 -5.76
CA GLY B 265 7.17 -10.26 -5.46
C GLY B 265 7.38 -10.55 -3.99
N ARG B 266 6.31 -10.48 -3.17
CA ARG B 266 6.43 -10.85 -1.74
C ARG B 266 6.00 -12.30 -1.60
N PRO B 267 6.89 -13.19 -1.16
CA PRO B 267 6.50 -14.61 -1.05
C PRO B 267 5.52 -14.87 0.08
N LEU B 268 4.66 -15.88 -0.08
CA LEU B 268 3.82 -16.33 1.00
C LEU B 268 4.61 -17.27 1.89
N ALA B 269 4.42 -17.15 3.20
CA ALA B 269 5.06 -18.04 4.13
C ALA B 269 4.57 -19.47 3.92
N THR B 270 5.50 -20.44 4.00
CA THR B 270 5.10 -21.83 4.05
C THR B 270 4.52 -22.10 5.45
N PRO B 271 3.86 -23.24 5.68
CA PRO B 271 3.42 -23.56 7.06
C PRO B 271 4.59 -23.56 8.05
N GLU B 272 5.76 -24.08 7.62
CA GLU B 272 6.95 -24.14 8.49
C GLU B 272 7.42 -22.73 8.81
N GLN B 273 7.46 -21.84 7.81
CA GLN B 273 7.88 -20.45 8.04
C GLN B 273 6.88 -19.72 8.92
N ALA B 274 5.57 -19.96 8.74
CA ALA B 274 4.57 -19.33 9.61
C ALA B 274 4.76 -19.77 11.06
N ARG B 275 5.02 -21.07 11.30
CA ARG B 275 5.25 -21.55 12.68
C ARG B 275 6.54 -20.99 13.25
N GLU B 276 7.59 -20.83 12.41
CA GLU B 276 8.85 -20.26 12.90
C GLU B 276 8.67 -18.79 13.27
N ILE B 277 8.03 -17.99 12.40
CA ILE B 277 7.85 -16.56 12.64
C ILE B 277 7.01 -16.32 13.91
N LEU B 278 5.98 -17.16 14.09
CA LEU B 278 5.04 -17.00 15.20
C LEU B 278 5.49 -17.76 16.46
N ALA B 279 6.66 -18.41 16.40
CA ALA B 279 7.30 -19.13 17.52
C ALA B 279 6.39 -20.24 18.06
N LEU B 280 5.81 -21.04 17.13
CA LEU B 280 4.87 -22.09 17.44
C LEU B 280 5.49 -23.48 17.53
N ASN B 281 6.79 -23.59 17.31
CA ASN B 281 7.49 -24.88 17.39
C ASN B 281 7.99 -25.18 18.81
#